data_1O1P
#
_entry.id   1O1P
#
_cell.length_a   63.031
_cell.length_b   83.119
_cell.length_c   53.873
_cell.angle_alpha   90.00
_cell.angle_beta   99.04
_cell.angle_gamma   90.00
#
_symmetry.space_group_name_H-M   'P 1 21 1'
#
loop_
_entity.id
_entity.type
_entity.pdbx_description
1 polymer 'Hemoglobin Alpha chain'
2 polymer 'Hemoglobin beta chain'
3 non-polymer 'PROTOPORPHYRIN IX CONTAINING FE'
4 water water
#
loop_
_entity_poly.entity_id
_entity_poly.type
_entity_poly.pdbx_seq_one_letter_code
_entity_poly.pdbx_strand_id
1 'polypeptide(L)'
;MLSPADKTNVKAAWGKVGAHAGEYGAEALERMFLSFPTTKTYFPHFDLSHGSAQVKGHGKKVADALTNAVAHVDDMPNAL
SALSDLHAHKLRVDPVNFKLLSHCLLVTLAAHLPAEFTPAVHASLDKFLASVSTVLTSKYRGVLSPADKTNVKAAWGKVG
AHAGEYGAEALERMFLSFPTTKTYFPHFDLSHGSAQVKGHGKKVADALTNAVAHVDDMPNALSALSDLHAHKLRVDPVNF
KLLSHCLLVTLAAHLPAEFTPAVHASLDKFLASVSTVLTSKYR
;
A
2 'polypeptide(L)'
;MHLTPEEKSAVTALWGKVNVDEVGGEALGRLLVVYPWTQRFFESFGDLSTPDAVMGNPKVKAHGKKVLGAFSDGLAHLDN
LKGTFATLSELHADKLHVDPENFRLLGKVLVCVLAHHFGKEFTPPVQAAYQKVVAGVANALAHKYH
;
B,D
#
# COMPACT_ATOMS: atom_id res chain seq x y z
N MET A 1 3.76 -14.04 -13.51
CA MET A 1 3.55 -13.25 -14.72
C MET A 1 2.25 -13.63 -15.40
N LEU A 2 1.78 -12.76 -16.30
CA LEU A 2 0.59 -13.11 -17.08
C LEU A 2 0.77 -14.44 -17.81
N SER A 3 -0.09 -15.40 -17.52
CA SER A 3 -0.10 -16.64 -18.29
C SER A 3 -0.72 -16.40 -19.66
N PRO A 4 -0.60 -17.33 -20.60
CA PRO A 4 -1.27 -17.16 -21.90
C PRO A 4 -2.78 -17.18 -21.75
N ALA A 5 -3.25 -17.84 -20.69
CA ALA A 5 -4.68 -17.84 -20.41
C ALA A 5 -5.11 -16.44 -19.98
N ASP A 6 -4.28 -15.78 -19.17
CA ASP A 6 -4.51 -14.38 -18.83
C ASP A 6 -4.55 -13.49 -20.08
N LYS A 7 -3.61 -13.70 -21.00
CA LYS A 7 -3.56 -12.81 -22.16
C LYS A 7 -4.79 -12.98 -23.02
N THR A 8 -5.26 -14.22 -23.17
CA THR A 8 -6.47 -14.46 -23.95
C THR A 8 -7.67 -13.76 -23.35
N ASN A 9 -7.84 -13.85 -22.04
CA ASN A 9 -8.91 -13.21 -21.31
C ASN A 9 -8.87 -11.68 -21.47
N VAL A 10 -7.67 -11.13 -21.36
CA VAL A 10 -7.51 -9.68 -21.48
C VAL A 10 -7.86 -9.23 -22.89
N LYS A 11 -7.39 -9.98 -23.89
CA LYS A 11 -7.68 -9.64 -25.29
C LYS A 11 -9.15 -9.80 -25.58
N ALA A 12 -9.81 -10.81 -25.00
CA ALA A 12 -11.26 -10.86 -25.21
C ALA A 12 -11.96 -9.67 -24.57
N ALA A 13 -11.63 -9.34 -23.33
CA ALA A 13 -12.38 -8.27 -22.66
C ALA A 13 -12.18 -6.94 -23.39
N TRP A 14 -10.94 -6.67 -23.76
CA TRP A 14 -10.59 -5.37 -24.34
C TRP A 14 -11.15 -5.25 -25.76
N GLY A 15 -11.12 -6.37 -26.49
CA GLY A 15 -11.79 -6.41 -27.78
C GLY A 15 -13.24 -5.96 -27.63
N LYS A 16 -13.90 -6.48 -26.60
CA LYS A 16 -15.30 -6.11 -26.40
C LYS A 16 -15.45 -4.65 -26.02
N VAL A 17 -14.47 -4.10 -25.30
CA VAL A 17 -14.53 -2.67 -25.01
C VAL A 17 -14.58 -1.91 -26.33
N GLY A 18 -13.70 -2.34 -27.24
CA GLY A 18 -13.61 -1.78 -28.57
C GLY A 18 -13.58 -0.26 -28.60
N ALA A 19 -14.58 0.31 -29.27
CA ALA A 19 -14.59 1.72 -29.61
C ALA A 19 -14.96 2.61 -28.42
N HIS A 20 -15.41 2.02 -27.31
CA HIS A 20 -15.77 2.81 -26.14
C HIS A 20 -14.59 3.03 -25.20
N ALA A 21 -13.40 2.61 -25.61
CA ALA A 21 -12.24 2.64 -24.72
C ALA A 21 -12.03 4.04 -24.15
N GLY A 22 -12.13 5.05 -25.01
CA GLY A 22 -11.94 6.44 -24.59
C GLY A 22 -12.92 6.88 -23.53
N GLU A 23 -14.18 6.57 -23.75
CA GLU A 23 -15.31 6.86 -22.89
C GLU A 23 -15.15 6.16 -21.54
N TYR A 24 -14.73 4.89 -21.58
CA TYR A 24 -14.49 4.14 -20.36
C TYR A 24 -13.31 4.69 -19.59
N GLY A 25 -12.29 5.13 -20.34
CA GLY A 25 -11.13 5.73 -19.69
C GLY A 25 -11.51 7.00 -18.96
N ALA A 26 -12.38 7.80 -19.57
CA ALA A 26 -12.86 9.01 -18.91
C ALA A 26 -13.75 8.68 -17.72
N GLU A 27 -14.58 7.65 -17.84
CA GLU A 27 -15.37 7.24 -16.68
C GLU A 27 -14.46 6.82 -15.54
N ALA A 28 -13.41 6.05 -15.83
CA ALA A 28 -12.52 5.58 -14.77
C ALA A 28 -11.85 6.72 -14.02
N LEU A 29 -11.46 7.75 -14.76
CA LEU A 29 -10.84 8.91 -14.09
C LEU A 29 -11.86 9.60 -13.20
N GLU A 30 -13.08 9.79 -13.72
CA GLU A 30 -14.04 10.47 -12.89
C GLU A 30 -14.33 9.67 -11.62
N ARG A 31 -14.46 8.35 -11.79
CA ARG A 31 -14.69 7.51 -10.60
C ARG A 31 -13.52 7.67 -9.64
N MET A 32 -12.30 7.71 -10.18
CA MET A 32 -11.12 7.90 -9.34
C MET A 32 -11.15 9.23 -8.59
N PHE A 33 -11.43 10.31 -9.32
CA PHE A 33 -11.45 11.62 -8.67
C PHE A 33 -12.48 11.70 -7.55
N LEU A 34 -13.62 11.06 -7.73
CA LEU A 34 -14.68 11.10 -6.72
C LEU A 34 -14.35 10.21 -5.53
N SER A 35 -13.84 9.01 -5.81
CA SER A 35 -13.67 8.04 -4.72
C SER A 35 -12.37 8.24 -3.96
N PHE A 36 -11.35 8.72 -4.68
CA PHE A 36 -10.03 8.93 -4.07
C PHE A 36 -9.55 10.35 -4.37
N PRO A 37 -10.09 11.29 -3.62
CA PRO A 37 -9.87 12.71 -3.97
C PRO A 37 -8.42 13.12 -3.85
N THR A 38 -7.57 12.40 -3.11
CA THR A 38 -6.16 12.78 -3.09
C THR A 38 -5.54 12.70 -4.47
N THR A 39 -6.13 11.91 -5.38
CA THR A 39 -5.55 11.81 -6.71
C THR A 39 -5.68 13.10 -7.52
N LYS A 40 -6.59 13.96 -7.08
CA LYS A 40 -6.77 15.26 -7.77
C LYS A 40 -5.56 16.15 -7.62
N THR A 41 -4.67 15.90 -6.66
CA THR A 41 -3.49 16.74 -6.49
C THR A 41 -2.55 16.68 -7.68
N TYR A 42 -2.70 15.69 -8.55
CA TYR A 42 -1.89 15.57 -9.75
C TYR A 42 -2.50 16.32 -10.93
N PHE A 43 -3.73 16.82 -10.76
CA PHE A 43 -4.35 17.54 -11.88
C PHE A 43 -4.84 18.92 -11.50
N PRO A 44 -4.05 19.74 -10.83
CA PRO A 44 -4.61 21.04 -10.41
C PRO A 44 -4.80 21.94 -11.63
N HIS A 45 -4.15 21.57 -12.72
CA HIS A 45 -4.12 22.31 -13.97
C HIS A 45 -5.24 21.91 -14.92
N PHE A 46 -6.12 21.02 -14.49
CA PHE A 46 -7.26 20.58 -15.27
C PHE A 46 -8.55 21.17 -14.73
N ASP A 47 -9.52 21.32 -15.63
CA ASP A 47 -10.91 21.48 -15.21
C ASP A 47 -11.45 20.08 -14.95
N LEU A 48 -11.78 19.74 -13.70
CA LEU A 48 -12.18 18.36 -13.44
C LEU A 48 -13.69 18.20 -13.41
N SER A 49 -14.42 19.25 -13.79
CA SER A 49 -15.87 19.16 -13.99
C SER A 49 -16.24 17.93 -14.82
N HIS A 50 -17.34 17.30 -14.47
CA HIS A 50 -17.82 16.15 -15.23
C HIS A 50 -17.93 16.49 -16.71
N GLY A 51 -17.36 15.66 -17.57
CA GLY A 51 -17.49 15.84 -19.01
C GLY A 51 -16.56 16.88 -19.58
N SER A 52 -15.69 17.45 -18.75
CA SER A 52 -14.68 18.38 -19.24
C SER A 52 -13.89 17.80 -20.41
N ALA A 53 -13.52 18.62 -21.40
CA ALA A 53 -12.79 18.09 -22.54
C ALA A 53 -11.41 17.56 -22.14
N GLN A 54 -10.84 18.14 -21.08
CA GLN A 54 -9.53 17.73 -20.61
C GLN A 54 -9.57 16.29 -20.09
N VAL A 55 -10.56 16.03 -19.25
CA VAL A 55 -10.82 14.69 -18.73
C VAL A 55 -11.14 13.70 -19.83
N LYS A 56 -11.98 14.11 -20.79
CA LYS A 56 -12.27 13.27 -21.94
C LYS A 56 -11.00 13.01 -22.75
N GLY A 57 -10.21 14.04 -22.97
CA GLY A 57 -8.98 13.92 -23.73
C GLY A 57 -7.98 12.99 -23.07
N HIS A 58 -7.79 13.16 -21.77
CA HIS A 58 -6.88 12.31 -21.02
C HIS A 58 -7.41 10.88 -20.92
N GLY A 59 -8.72 10.75 -20.70
CA GLY A 59 -9.34 9.42 -20.76
C GLY A 59 -9.00 8.68 -22.03
N LYS A 60 -9.04 9.36 -23.19
CA LYS A 60 -8.77 8.63 -24.43
C LYS A 60 -7.29 8.26 -24.57
N LYS A 61 -6.41 9.13 -24.10
CA LYS A 61 -4.98 8.84 -24.11
C LYS A 61 -4.67 7.68 -23.17
N VAL A 62 -5.37 7.65 -22.03
CA VAL A 62 -5.12 6.54 -21.10
C VAL A 62 -5.49 5.24 -21.79
N ALA A 63 -6.68 5.22 -22.39
CA ALA A 63 -7.20 4.04 -23.06
C ALA A 63 -6.35 3.65 -24.28
N ASP A 64 -5.84 4.61 -25.04
CA ASP A 64 -4.96 4.28 -26.14
C ASP A 64 -3.76 3.46 -25.64
N ALA A 65 -3.17 3.92 -24.53
CA ALA A 65 -1.95 3.26 -24.06
C ALA A 65 -2.25 1.85 -23.57
N LEU A 66 -3.43 1.65 -22.97
CA LEU A 66 -3.84 0.31 -22.57
C LEU A 66 -4.07 -0.57 -23.78
N THR A 67 -4.73 -0.04 -24.82
CA THR A 67 -4.88 -0.79 -26.07
C THR A 67 -3.52 -1.20 -26.62
N ASN A 68 -2.55 -0.30 -26.53
CA ASN A 68 -1.18 -0.58 -26.93
C ASN A 68 -0.59 -1.70 -26.09
N ALA A 69 -0.77 -1.61 -24.77
CA ALA A 69 -0.31 -2.69 -23.89
C ALA A 69 -0.99 -4.01 -24.22
N VAL A 70 -2.29 -4.02 -24.50
CA VAL A 70 -2.98 -5.25 -24.84
C VAL A 70 -2.44 -5.86 -26.14
N ALA A 71 -2.21 -5.01 -27.14
CA ALA A 71 -1.73 -5.44 -28.44
C ALA A 71 -0.25 -5.79 -28.44
N HIS A 72 0.43 -5.49 -27.34
CA HIS A 72 1.84 -5.86 -27.19
C HIS A 72 2.08 -6.48 -25.81
N VAL A 73 1.15 -7.32 -25.39
CA VAL A 73 1.15 -7.98 -24.09
C VAL A 73 2.43 -8.75 -23.80
N ASP A 74 3.14 -9.23 -24.82
CA ASP A 74 4.31 -10.04 -24.56
C ASP A 74 5.57 -9.19 -24.51
N ASP A 75 5.44 -7.91 -24.84
CA ASP A 75 6.57 -7.00 -24.95
C ASP A 75 6.28 -5.70 -24.20
N MET A 76 5.64 -5.79 -23.04
CA MET A 76 5.12 -4.59 -22.40
C MET A 76 6.18 -3.55 -22.04
N PRO A 77 7.27 -3.89 -21.38
CA PRO A 77 8.28 -2.87 -21.03
C PRO A 77 8.74 -2.06 -22.23
N ASN A 78 9.03 -2.76 -23.32
CA ASN A 78 9.47 -2.12 -24.55
C ASN A 78 8.38 -1.20 -25.10
N ALA A 79 7.17 -1.73 -25.22
CA ALA A 79 6.08 -0.98 -25.84
C ALA A 79 5.66 0.24 -25.04
N LEU A 80 5.82 0.23 -23.72
CA LEU A 80 5.37 1.36 -22.89
C LEU A 80 6.55 2.18 -22.39
N SER A 81 7.71 1.97 -22.98
CA SER A 81 8.97 2.57 -22.58
C SER A 81 8.90 4.08 -22.51
N ALA A 82 8.25 4.71 -23.49
CA ALA A 82 8.18 6.18 -23.46
C ALA A 82 7.30 6.63 -22.30
N LEU A 83 6.22 5.89 -22.07
CA LEU A 83 5.30 6.20 -20.98
C LEU A 83 5.97 6.04 -19.62
N SER A 84 6.75 4.99 -19.46
CA SER A 84 7.56 4.75 -18.29
C SER A 84 8.48 5.93 -17.98
N ASP A 85 9.20 6.38 -19.01
CA ASP A 85 10.13 7.49 -18.84
C ASP A 85 9.41 8.74 -18.34
N LEU A 86 8.30 9.04 -19.01
CA LEU A 86 7.53 10.24 -18.68
C LEU A 86 7.01 10.22 -17.26
N HIS A 87 6.52 9.07 -16.79
CA HIS A 87 6.00 9.09 -15.41
C HIS A 87 7.14 9.10 -14.42
N ALA A 88 8.23 8.39 -14.75
CA ALA A 88 9.37 8.35 -13.85
C ALA A 88 10.08 9.69 -13.73
N HIS A 89 10.25 10.37 -14.85
CA HIS A 89 11.12 11.55 -14.87
C HIS A 89 10.36 12.87 -14.83
N LYS A 90 9.10 12.90 -15.23
CA LYS A 90 8.41 14.17 -15.40
C LYS A 90 7.23 14.30 -14.45
N LEU A 91 6.28 13.38 -14.61
CA LEU A 91 5.04 13.47 -13.84
C LEU A 91 5.29 13.11 -12.38
N ARG A 92 6.03 12.03 -12.19
CA ARG A 92 6.49 11.60 -10.87
C ARG A 92 5.34 11.41 -9.89
N VAL A 93 4.29 10.77 -10.37
CA VAL A 93 3.12 10.32 -9.63
C VAL A 93 3.47 9.18 -8.67
N ASP A 94 3.16 9.36 -7.38
CA ASP A 94 3.53 8.33 -6.41
C ASP A 94 2.90 6.99 -6.79
N PRO A 95 3.68 5.92 -6.77
CA PRO A 95 3.19 4.62 -7.24
C PRO A 95 1.91 4.19 -6.58
N VAL A 96 1.59 4.62 -5.37
CA VAL A 96 0.36 4.18 -4.73
C VAL A 96 -0.87 4.45 -5.58
N ASN A 97 -0.80 5.52 -6.38
CA ASN A 97 -1.99 5.98 -7.09
C ASN A 97 -2.29 5.08 -8.29
N PHE A 98 -1.31 4.33 -8.78
CA PHE A 98 -1.58 3.45 -9.90
C PHE A 98 -2.60 2.37 -9.52
N LYS A 99 -2.54 1.94 -8.26
CA LYS A 99 -3.47 0.96 -7.72
C LYS A 99 -4.90 1.49 -7.70
N LEU A 100 -5.03 2.78 -7.40
CA LEU A 100 -6.33 3.41 -7.31
C LEU A 100 -6.98 3.55 -8.67
N LEU A 101 -6.22 3.96 -9.68
CA LEU A 101 -6.82 4.03 -11.02
C LEU A 101 -7.14 2.64 -11.56
N SER A 102 -6.28 1.66 -11.28
CA SER A 102 -6.52 0.30 -11.76
C SER A 102 -7.84 -0.23 -11.22
N HIS A 103 -8.08 0.00 -9.94
CA HIS A 103 -9.32 -0.38 -9.30
C HIS A 103 -10.51 0.31 -9.97
N CYS A 104 -10.35 1.60 -10.27
CA CYS A 104 -11.48 2.29 -10.91
C CYS A 104 -11.68 1.84 -12.36
N LEU A 105 -10.60 1.45 -13.05
CA LEU A 105 -10.74 0.90 -14.40
C LEU A 105 -11.51 -0.43 -14.32
N LEU A 106 -11.14 -1.24 -13.33
CA LEU A 106 -11.81 -2.51 -13.09
C LEU A 106 -13.29 -2.33 -12.80
N VAL A 107 -13.66 -1.39 -11.91
CA VAL A 107 -15.07 -1.12 -11.65
C VAL A 107 -15.80 -0.65 -12.91
N THR A 108 -15.12 0.12 -13.76
CA THR A 108 -15.74 0.62 -14.98
C THR A 108 -16.06 -0.51 -15.94
N LEU A 109 -15.09 -1.41 -16.12
CA LEU A 109 -15.29 -2.55 -16.99
C LEU A 109 -16.38 -3.46 -16.48
N ALA A 110 -16.44 -3.67 -15.17
CA ALA A 110 -17.49 -4.50 -14.58
C ALA A 110 -18.87 -3.93 -14.86
N ALA A 111 -18.98 -2.62 -14.75
CA ALA A 111 -20.24 -1.92 -14.92
C ALA A 111 -20.70 -1.92 -16.38
N HIS A 112 -19.78 -2.10 -17.32
CA HIS A 112 -20.15 -2.09 -18.74
C HIS A 112 -20.10 -3.45 -19.40
N LEU A 113 -19.45 -4.43 -18.79
CA LEU A 113 -19.27 -5.74 -19.43
C LEU A 113 -19.95 -6.85 -18.65
N PRO A 114 -21.26 -6.84 -18.50
CA PRO A 114 -21.88 -7.84 -17.61
C PRO A 114 -21.59 -9.26 -18.06
N ALA A 115 -21.58 -9.52 -19.37
CA ALA A 115 -21.47 -10.91 -19.82
C ALA A 115 -20.04 -11.41 -19.72
N GLU A 116 -19.08 -10.53 -19.99
CA GLU A 116 -17.69 -10.93 -20.05
C GLU A 116 -16.99 -10.93 -18.70
N PHE A 117 -17.47 -10.19 -17.72
CA PHE A 117 -16.68 -9.98 -16.49
C PHE A 117 -16.86 -11.13 -15.50
N THR A 118 -16.41 -12.31 -15.90
CA THR A 118 -16.53 -13.52 -15.10
C THR A 118 -15.43 -13.55 -14.04
N PRO A 119 -15.48 -14.45 -13.07
CA PRO A 119 -14.39 -14.49 -12.07
C PRO A 119 -13.02 -14.62 -12.71
N ALA A 120 -12.86 -15.47 -13.73
CA ALA A 120 -11.50 -15.68 -14.24
C ALA A 120 -11.01 -14.47 -15.03
N VAL A 121 -11.92 -13.79 -15.71
CA VAL A 121 -11.57 -12.58 -16.46
C VAL A 121 -11.26 -11.45 -15.49
N HIS A 122 -12.05 -11.36 -14.42
CA HIS A 122 -11.74 -10.40 -13.35
C HIS A 122 -10.30 -10.59 -12.88
N ALA A 123 -9.93 -11.83 -12.55
CA ALA A 123 -8.57 -12.06 -12.04
C ALA A 123 -7.53 -11.67 -13.07
N SER A 124 -7.80 -12.01 -14.34
CA SER A 124 -6.80 -11.74 -15.38
C SER A 124 -6.64 -10.23 -15.58
N LEU A 125 -7.75 -9.50 -15.56
CA LEU A 125 -7.69 -8.06 -15.78
C LEU A 125 -6.95 -7.39 -14.63
N ASP A 126 -7.17 -7.90 -13.42
CA ASP A 126 -6.50 -7.34 -12.25
C ASP A 126 -5.00 -7.52 -12.36
N LYS A 127 -4.57 -8.73 -12.74
CA LYS A 127 -3.16 -9.01 -12.94
C LYS A 127 -2.54 -8.16 -14.04
N PHE A 128 -3.32 -7.92 -15.10
CA PHE A 128 -2.83 -7.15 -16.24
C PHE A 128 -2.64 -5.70 -15.85
N LEU A 129 -3.59 -5.14 -15.10
CA LEU A 129 -3.43 -3.74 -14.68
C LEU A 129 -2.29 -3.58 -13.69
N ALA A 130 -2.12 -4.58 -12.82
CA ALA A 130 -0.96 -4.59 -11.93
C ALA A 130 0.34 -4.67 -12.72
N SER A 131 0.34 -5.44 -13.81
CA SER A 131 1.58 -5.53 -14.60
C SER A 131 1.86 -4.21 -15.30
N VAL A 132 0.81 -3.60 -15.84
CA VAL A 132 0.96 -2.29 -16.47
C VAL A 132 1.53 -1.29 -15.47
N SER A 133 0.97 -1.27 -14.26
CA SER A 133 1.41 -0.33 -13.24
C SER A 133 2.86 -0.59 -12.86
N THR A 134 3.26 -1.85 -12.84
CA THR A 134 4.66 -2.20 -12.57
C THR A 134 5.58 -1.63 -13.64
N VAL A 135 5.20 -1.78 -14.90
CA VAL A 135 6.03 -1.27 -15.99
C VAL A 135 6.13 0.26 -15.94
N LEU A 136 4.99 0.90 -15.73
CA LEU A 136 4.98 2.36 -15.67
C LEU A 136 5.77 2.92 -14.50
N THR A 137 6.02 2.12 -13.47
CA THR A 137 6.78 2.64 -12.33
C THR A 137 8.19 2.07 -12.26
N SER A 138 8.61 1.31 -13.27
CA SER A 138 9.85 0.53 -13.16
C SER A 138 11.07 1.42 -13.29
N LYS A 139 10.90 2.62 -13.84
CA LYS A 139 12.07 3.48 -13.98
C LYS A 139 12.14 4.55 -12.90
N TYR A 140 11.24 4.53 -11.93
CA TYR A 140 11.28 5.54 -10.86
C TYR A 140 12.63 5.49 -10.14
N ARG A 141 13.09 4.27 -9.96
CA ARG A 141 14.36 3.98 -9.30
C ARG A 141 15.18 2.99 -10.15
N GLY A 142 14.48 2.21 -10.96
CA GLY A 142 15.02 1.25 -11.89
C GLY A 142 15.47 -0.04 -11.26
N VAL A 143 16.20 -0.87 -12.01
CA VAL A 143 16.76 -2.11 -11.46
C VAL A 143 17.99 -1.79 -10.62
N LEU A 144 18.59 -2.82 -9.99
CA LEU A 144 19.79 -2.52 -9.20
C LEU A 144 20.99 -2.21 -10.08
N SER A 145 21.56 -1.02 -9.91
CA SER A 145 22.73 -0.57 -10.63
C SER A 145 24.02 -1.14 -10.03
N PRO A 146 25.16 -1.03 -10.70
CA PRO A 146 26.40 -1.57 -10.13
C PRO A 146 26.79 -0.84 -8.85
N ALA A 147 26.44 0.44 -8.75
CA ALA A 147 26.66 1.15 -7.49
C ALA A 147 25.77 0.57 -6.39
N ASP A 148 24.52 0.27 -6.73
CA ASP A 148 23.62 -0.35 -5.75
C ASP A 148 24.16 -1.70 -5.26
N LYS A 149 24.56 -2.55 -6.21
CA LYS A 149 25.12 -3.83 -5.80
C LYS A 149 26.34 -3.68 -4.91
N THR A 150 27.22 -2.72 -5.24
CA THR A 150 28.40 -2.50 -4.42
C THR A 150 28.01 -2.07 -3.00
N ASN A 151 27.02 -1.18 -2.92
CA ASN A 151 26.57 -0.60 -1.66
C ASN A 151 25.95 -1.67 -0.77
N VAL A 152 25.11 -2.50 -1.37
CA VAL A 152 24.50 -3.59 -0.62
C VAL A 152 25.56 -4.58 -0.15
N LYS A 153 26.52 -4.94 -1.01
CA LYS A 153 27.53 -5.91 -0.59
C LYS A 153 28.41 -5.35 0.51
N ALA A 154 28.78 -4.07 0.43
CA ALA A 154 29.55 -3.50 1.53
C ALA A 154 28.76 -3.46 2.83
N ALA A 155 27.51 -3.02 2.79
CA ALA A 155 26.72 -2.92 4.01
C ALA A 155 26.51 -4.27 4.66
N TRP A 156 26.22 -5.28 3.83
CA TRP A 156 25.92 -6.60 4.38
C TRP A 156 27.19 -7.27 4.90
N GLY A 157 28.30 -7.09 4.19
CA GLY A 157 29.56 -7.61 4.69
C GLY A 157 29.82 -7.06 6.08
N LYS A 158 29.55 -5.77 6.27
CA LYS A 158 29.83 -5.15 7.56
C LYS A 158 28.95 -5.75 8.67
N VAL A 159 27.80 -6.23 8.26
CA VAL A 159 26.83 -6.91 9.11
C VAL A 159 27.42 -8.23 9.59
N GLY A 160 28.04 -8.94 8.66
CA GLY A 160 28.81 -10.13 8.94
C GLY A 160 28.13 -11.12 9.86
N ALA A 161 28.76 -11.40 11.00
CA ALA A 161 28.33 -12.46 11.89
C ALA A 161 27.04 -12.13 12.64
N HIS A 162 26.65 -10.86 12.67
CA HIS A 162 25.48 -10.43 13.44
C HIS A 162 24.20 -10.51 12.62
N ALA A 163 24.29 -11.03 11.41
CA ALA A 163 23.12 -11.08 10.52
C ALA A 163 21.91 -11.70 11.21
N GLY A 164 22.10 -12.80 11.92
CA GLY A 164 21.04 -13.49 12.62
C GLY A 164 20.38 -12.67 13.71
N GLU A 165 21.20 -12.06 14.56
CA GLU A 165 20.78 -11.17 15.63
C GLU A 165 19.96 -9.99 15.09
N TYR A 166 20.44 -9.42 13.99
CA TYR A 166 19.79 -8.27 13.37
C TYR A 166 18.44 -8.64 12.78
N GLY A 167 18.37 -9.87 12.24
CA GLY A 167 17.12 -10.38 11.73
C GLY A 167 16.08 -10.56 12.82
N ALA A 168 16.52 -11.01 13.99
CA ALA A 168 15.57 -11.15 15.11
C ALA A 168 15.12 -9.79 15.61
N GLU A 169 16.06 -8.84 15.67
CA GLU A 169 15.68 -7.49 16.09
C GLU A 169 14.65 -6.90 15.11
N ALA A 170 14.87 -7.12 13.82
CA ALA A 170 13.93 -6.61 12.83
C ALA A 170 12.53 -7.18 13.01
N LEU A 171 12.45 -8.49 13.25
CA LEU A 171 11.14 -9.08 13.55
C LEU A 171 10.51 -8.47 14.79
N GLU A 172 11.30 -8.38 15.87
CA GLU A 172 10.75 -7.79 17.09
C GLU A 172 10.23 -6.38 16.83
N ARG A 173 10.99 -5.61 16.05
CA ARG A 173 10.55 -4.26 15.74
C ARG A 173 9.24 -4.31 14.97
N MET A 174 9.15 -5.23 14.02
CA MET A 174 7.96 -5.39 13.18
C MET A 174 6.74 -5.77 14.00
N PHE A 175 6.87 -6.75 14.88
CA PHE A 175 5.75 -7.17 15.73
C PHE A 175 5.23 -6.06 16.63
N LEU A 176 6.13 -5.22 17.14
CA LEU A 176 5.71 -4.16 18.05
C LEU A 176 5.12 -2.98 17.29
N SER A 177 5.72 -2.63 16.15
CA SER A 177 5.30 -1.45 15.40
C SER A 177 4.09 -1.70 14.51
N PHE A 178 3.95 -2.92 14.00
CA PHE A 178 2.87 -3.30 13.11
C PHE A 178 2.20 -4.58 13.61
N PRO A 179 1.36 -4.45 14.61
CA PRO A 179 0.80 -5.63 15.29
C PRO A 179 0.00 -6.55 14.37
N THR A 180 -0.51 -6.09 13.22
CA THR A 180 -1.22 -7.03 12.37
C THR A 180 -0.31 -8.13 11.88
N THR A 181 1.00 -7.89 11.87
CA THR A 181 1.86 -8.94 11.32
C THR A 181 1.91 -10.16 12.25
N LYS A 182 1.56 -9.93 13.51
CA LYS A 182 1.51 -11.05 14.46
C LYS A 182 0.53 -12.14 14.07
N THR A 183 -0.48 -11.86 13.24
CA THR A 183 -1.45 -12.87 12.85
C THR A 183 -0.86 -14.04 12.07
N TYR A 184 0.36 -13.91 11.57
CA TYR A 184 1.03 -14.98 10.82
C TYR A 184 1.84 -15.90 11.73
N PHE A 185 1.93 -15.56 13.01
CA PHE A 185 2.73 -16.38 13.93
C PHE A 185 1.95 -16.71 15.19
N PRO A 186 0.74 -17.26 15.06
CA PRO A 186 -0.05 -17.50 16.27
C PRO A 186 0.61 -18.62 17.09
N HIS A 187 1.41 -19.40 16.40
CA HIS A 187 2.08 -20.59 16.92
C HIS A 187 3.41 -20.27 17.59
N PHE A 188 3.79 -19.00 17.68
CA PHE A 188 5.04 -18.56 18.27
C PHE A 188 4.80 -17.89 19.62
N ASP A 189 5.81 -17.97 20.48
CA ASP A 189 5.97 -17.08 21.60
C ASP A 189 6.68 -15.84 21.08
N LEU A 190 6.03 -14.68 21.14
CA LEU A 190 6.58 -13.49 20.50
C LEU A 190 7.17 -12.54 21.55
N SER A 191 7.21 -13.01 22.79
CA SER A 191 7.82 -12.21 23.85
C SER A 191 9.26 -11.82 23.51
N HIS A 192 9.75 -10.76 24.14
CA HIS A 192 11.13 -10.35 23.93
C HIS A 192 12.12 -11.43 24.37
N GLY A 193 13.13 -11.72 23.54
CA GLY A 193 14.07 -12.78 23.87
C GLY A 193 13.59 -14.15 23.47
N SER A 194 12.41 -14.25 22.85
CA SER A 194 11.92 -15.57 22.47
C SER A 194 12.89 -16.26 21.52
N ALA A 195 13.14 -17.54 21.76
CA ALA A 195 14.05 -18.31 20.92
C ALA A 195 13.40 -18.64 19.58
N GLN A 196 12.07 -18.63 19.53
CA GLN A 196 11.39 -18.90 18.27
C GLN A 196 11.66 -17.74 17.31
N VAL A 197 11.54 -16.53 17.85
CA VAL A 197 11.88 -15.30 17.14
C VAL A 197 13.34 -15.27 16.73
N LYS A 198 14.26 -15.58 17.65
CA LYS A 198 15.66 -15.62 17.26
C LYS A 198 15.92 -16.62 16.14
N GLY A 199 15.38 -17.84 16.25
CA GLY A 199 15.63 -18.84 15.24
C GLY A 199 15.08 -18.46 13.88
N HIS A 200 13.92 -17.80 13.88
CA HIS A 200 13.33 -17.37 12.62
C HIS A 200 14.12 -16.21 12.03
N GLY A 201 14.53 -15.27 12.87
CA GLY A 201 15.35 -14.16 12.38
C GLY A 201 16.63 -14.64 11.74
N LYS A 202 17.18 -15.75 12.27
CA LYS A 202 18.39 -16.28 11.66
C LYS A 202 18.08 -16.82 10.26
N LYS A 203 16.95 -17.49 10.11
CA LYS A 203 16.54 -18.02 8.81
C LYS A 203 16.33 -16.89 7.81
N VAL A 204 15.68 -15.82 8.28
CA VAL A 204 15.41 -14.70 7.39
C VAL A 204 16.72 -14.06 6.94
N ALA A 205 17.60 -13.82 7.91
CA ALA A 205 18.90 -13.21 7.61
C ALA A 205 19.75 -14.09 6.70
N ASP A 206 19.73 -15.39 6.92
CA ASP A 206 20.49 -16.29 6.06
C ASP A 206 19.96 -16.23 4.63
N ALA A 207 18.64 -16.17 4.48
CA ALA A 207 18.11 -16.01 3.13
C ALA A 207 18.54 -14.69 2.51
N LEU A 208 18.60 -13.62 3.30
CA LEU A 208 19.09 -12.35 2.75
C LEU A 208 20.56 -12.42 2.39
N THR A 209 21.32 -13.13 3.21
CA THR A 209 22.73 -13.36 2.87
C THR A 209 22.87 -14.08 1.53
N ASN A 210 22.02 -15.07 1.31
CA ASN A 210 21.96 -15.82 0.07
C ASN A 210 21.60 -14.94 -1.12
N ALA A 211 20.66 -14.03 -0.89
CA ALA A 211 20.27 -13.09 -1.93
C ALA A 211 21.40 -12.13 -2.29
N VAL A 212 22.10 -11.56 -1.31
CA VAL A 212 23.23 -10.68 -1.57
C VAL A 212 24.33 -11.39 -2.37
N ALA A 213 24.55 -12.67 -2.07
CA ALA A 213 25.56 -13.47 -2.74
C ALA A 213 25.14 -13.83 -4.17
N HIS A 214 23.85 -13.68 -4.45
CA HIS A 214 23.32 -13.98 -5.77
C HIS A 214 22.51 -12.81 -6.33
N VAL A 215 23.00 -11.58 -6.15
CA VAL A 215 22.18 -10.43 -6.51
C VAL A 215 21.69 -10.46 -7.95
N ASP A 216 22.41 -11.14 -8.85
CA ASP A 216 22.06 -11.08 -10.27
C ASP A 216 21.19 -12.27 -10.67
N ASP A 217 21.09 -13.25 -9.77
CA ASP A 217 20.38 -14.49 -10.02
C ASP A 217 19.39 -14.79 -8.90
N MET A 218 18.82 -13.73 -8.36
CA MET A 218 17.94 -13.78 -7.20
C MET A 218 16.69 -14.62 -7.38
N PRO A 219 15.96 -14.56 -8.48
CA PRO A 219 14.77 -15.42 -8.64
C PRO A 219 15.07 -16.90 -8.49
N ASN A 220 16.15 -17.41 -9.07
CA ASN A 220 16.44 -18.83 -8.88
C ASN A 220 16.82 -19.09 -7.42
N ALA A 221 17.78 -18.31 -6.92
CA ALA A 221 18.28 -18.51 -5.57
C ALA A 221 17.16 -18.48 -4.53
N LEU A 222 16.08 -17.76 -4.83
CA LEU A 222 15.01 -17.58 -3.85
C LEU A 222 13.77 -18.37 -4.24
N SER A 223 13.88 -19.18 -5.29
CA SER A 223 12.75 -19.88 -5.87
C SER A 223 12.00 -20.72 -4.85
N ALA A 224 12.71 -21.47 -4.01
CA ALA A 224 12.01 -22.32 -3.05
C ALA A 224 11.23 -21.48 -2.05
N LEU A 225 11.80 -20.32 -1.71
CA LEU A 225 11.18 -19.41 -0.76
C LEU A 225 9.93 -18.77 -1.35
N SER A 226 10.02 -18.37 -2.62
CA SER A 226 8.90 -17.87 -3.40
C SER A 226 7.73 -18.85 -3.43
N ASP A 227 8.05 -20.11 -3.72
CA ASP A 227 7.05 -21.17 -3.69
C ASP A 227 6.37 -21.23 -2.33
N LEU A 228 7.20 -21.21 -1.29
CA LEU A 228 6.70 -21.45 0.06
C LEU A 228 5.80 -20.31 0.52
N HIS A 229 6.16 -19.08 0.19
CA HIS A 229 5.29 -17.97 0.62
C HIS A 229 4.04 -17.93 -0.24
N ALA A 230 4.19 -18.19 -1.53
CA ALA A 230 3.03 -18.10 -2.43
C ALA A 230 2.00 -19.18 -2.12
N HIS A 231 2.46 -20.41 -1.89
CA HIS A 231 1.50 -21.51 -1.88
C HIS A 231 1.22 -22.10 -0.52
N LYS A 232 2.11 -21.90 0.46
CA LYS A 232 1.86 -22.43 1.79
C LYS A 232 1.53 -21.33 2.78
N LEU A 233 2.52 -20.49 3.03
CA LEU A 233 2.37 -19.48 4.09
C LEU A 233 1.31 -18.46 3.69
N ARG A 234 1.44 -17.98 2.46
CA ARG A 234 0.44 -17.09 1.88
C ARG A 234 0.28 -15.80 2.68
N VAL A 235 1.41 -15.19 3.00
CA VAL A 235 1.55 -13.88 3.61
C VAL A 235 1.09 -12.78 2.65
N ASP A 236 0.15 -11.92 3.07
CA ASP A 236 -0.28 -10.85 2.16
C ASP A 236 0.94 -10.01 1.77
N PRO A 237 1.08 -9.75 0.48
CA PRO A 237 2.23 -9.00 -0.02
C PRO A 237 2.47 -7.69 0.72
N VAL A 238 1.44 -7.06 1.27
CA VAL A 238 1.66 -5.78 1.93
C VAL A 238 2.69 -5.91 3.06
N ASN A 239 2.77 -7.09 3.67
CA ASN A 239 3.59 -7.24 4.87
C ASN A 239 5.08 -7.22 4.58
N PHE A 240 5.44 -7.52 3.34
CA PHE A 240 6.87 -7.53 3.01
C PHE A 240 7.42 -6.12 3.11
N LYS A 241 6.60 -5.10 2.86
CA LYS A 241 7.04 -3.72 2.96
C LYS A 241 7.36 -3.34 4.40
N LEU A 242 6.56 -3.89 5.32
CA LEU A 242 6.72 -3.59 6.76
C LEU A 242 7.99 -4.22 7.31
N LEU A 243 8.26 -5.48 6.96
CA LEU A 243 9.53 -6.07 7.42
C LEU A 243 10.73 -5.37 6.81
N SER A 244 10.64 -4.99 5.53
CA SER A 244 11.76 -4.33 4.88
C SER A 244 12.11 -3.05 5.63
N HIS A 245 11.04 -2.32 5.99
CA HIS A 245 11.21 -1.08 6.73
C HIS A 245 11.91 -1.36 8.05
N CYS A 246 11.47 -2.42 8.74
CA CYS A 246 12.11 -2.69 10.03
C CYS A 246 13.53 -3.22 9.91
N LEU A 247 13.83 -3.92 8.83
CA LEU A 247 15.21 -4.32 8.52
C LEU A 247 16.06 -3.06 8.30
N LEU A 248 15.52 -2.10 7.55
CA LEU A 248 16.24 -0.86 7.33
C LEU A 248 16.48 -0.13 8.65
N VAL A 249 15.47 -0.07 9.51
CA VAL A 249 15.62 0.59 10.80
C VAL A 249 16.69 -0.10 11.64
N THR A 250 16.74 -1.42 11.58
CA THR A 250 17.72 -2.21 12.33
C THR A 250 19.13 -1.92 11.84
N LEU A 251 19.32 -1.91 10.52
CA LEU A 251 20.65 -1.62 9.96
C LEU A 251 21.08 -0.20 10.32
N ALA A 252 20.15 0.75 10.27
CA ALA A 252 20.49 2.13 10.61
C ALA A 252 20.98 2.26 12.05
N ALA A 253 20.35 1.55 12.97
CA ALA A 253 20.66 1.60 14.38
C ALA A 253 21.98 0.92 14.70
N HIS A 254 22.49 0.06 13.82
CA HIS A 254 23.72 -0.67 14.09
C HIS A 254 24.88 -0.22 13.21
N LEU A 255 24.60 0.47 12.12
CA LEU A 255 25.58 0.87 11.13
C LEU A 255 25.76 2.38 11.06
N PRO A 256 26.26 3.01 12.10
CA PRO A 256 26.31 4.48 12.12
C PRO A 256 27.11 5.04 10.95
N ALA A 257 28.24 4.43 10.64
CA ALA A 257 29.09 4.99 9.59
C ALA A 257 28.60 4.60 8.20
N GLU A 258 28.13 3.37 8.05
CA GLU A 258 27.85 2.81 6.74
C GLU A 258 26.50 3.23 6.15
N PHE A 259 25.54 3.60 7.00
CA PHE A 259 24.18 3.87 6.50
C PHE A 259 24.06 5.29 5.97
N THR A 260 24.78 5.58 4.89
CA THR A 260 24.72 6.92 4.29
C THR A 260 23.44 7.07 3.49
N PRO A 261 23.07 8.27 3.08
CA PRO A 261 21.92 8.40 2.16
C PRO A 261 22.03 7.50 0.96
N ALA A 262 23.19 7.41 0.30
CA ALA A 262 23.27 6.58 -0.89
C ALA A 262 23.10 5.10 -0.57
N VAL A 263 23.64 4.68 0.58
CA VAL A 263 23.54 3.27 0.95
C VAL A 263 22.12 2.92 1.38
N HIS A 264 21.49 3.84 2.09
CA HIS A 264 20.07 3.72 2.45
C HIS A 264 19.26 3.54 1.18
N ALA A 265 19.53 4.36 0.18
CA ALA A 265 18.73 4.24 -1.05
C ALA A 265 18.94 2.87 -1.69
N SER A 266 20.19 2.43 -1.72
CA SER A 266 20.47 1.15 -2.37
C SER A 266 19.83 -0.02 -1.62
N LEU A 267 19.86 0.05 -0.30
CA LEU A 267 19.32 -1.01 0.54
C LEU A 267 17.80 -1.08 0.37
N ASP A 268 17.15 0.10 0.33
CA ASP A 268 15.71 0.14 0.14
C ASP A 268 15.35 -0.49 -1.21
N LYS A 269 16.11 -0.15 -2.26
CA LYS A 269 15.89 -0.78 -3.56
C LYS A 269 16.08 -2.29 -3.51
N PHE A 270 17.12 -2.73 -2.82
CA PHE A 270 17.44 -4.15 -2.75
C PHE A 270 16.33 -4.92 -2.06
N LEU A 271 15.85 -4.40 -0.93
CA LEU A 271 14.79 -5.13 -0.22
C LEU A 271 13.48 -5.12 -0.99
N ALA A 272 13.19 -4.05 -1.72
CA ALA A 272 12.01 -4.07 -2.60
C ALA A 272 12.16 -5.14 -3.67
N SER A 273 13.37 -5.30 -4.18
CA SER A 273 13.62 -6.33 -5.19
C SER A 273 13.42 -7.72 -4.59
N VAL A 274 13.92 -7.90 -3.38
CA VAL A 274 13.74 -9.18 -2.69
C VAL A 274 12.25 -9.45 -2.48
N SER A 275 11.51 -8.42 -2.06
CA SER A 275 10.09 -8.59 -1.82
C SER A 275 9.35 -8.91 -3.11
N THR A 276 9.79 -8.29 -4.21
CA THR A 276 9.17 -8.57 -5.51
C THR A 276 9.30 -10.03 -5.91
N VAL A 277 10.51 -10.57 -5.74
CA VAL A 277 10.76 -11.98 -6.04
C VAL A 277 9.92 -12.89 -5.17
N LEU A 278 9.85 -12.56 -3.88
CA LEU A 278 9.17 -13.45 -2.94
C LEU A 278 7.67 -13.50 -3.16
N THR A 279 7.10 -12.47 -3.79
CA THR A 279 5.67 -12.46 -4.05
C THR A 279 5.38 -12.76 -5.51
N SER A 280 6.41 -13.09 -6.30
CA SER A 280 6.22 -13.16 -7.75
C SER A 280 5.31 -14.31 -8.17
N LYS A 281 5.20 -15.32 -7.31
CA LYS A 281 4.46 -16.50 -7.74
C LYS A 281 3.11 -16.58 -7.06
N TYR A 282 2.70 -15.49 -6.40
CA TYR A 282 1.42 -15.51 -5.71
C TYR A 282 0.27 -15.67 -6.70
N ARG A 283 0.48 -15.05 -7.85
CA ARG A 283 -0.52 -14.91 -8.88
C ARG A 283 0.01 -15.21 -10.28
N MET B 1 -19.19 6.61 11.54
CA MET B 1 -18.44 7.20 10.43
C MET B 1 -19.23 8.33 9.79
N HIS B 2 -18.53 9.27 9.13
CA HIS B 2 -19.29 10.38 8.56
C HIS B 2 -19.50 10.22 7.05
N LEU B 3 -20.77 10.21 6.70
CA LEU B 3 -21.33 10.32 5.37
C LEU B 3 -22.35 11.47 5.38
N THR B 4 -22.63 12.03 4.22
CA THR B 4 -23.73 12.98 4.09
C THR B 4 -25.05 12.23 4.06
N PRO B 5 -26.16 12.91 4.33
CA PRO B 5 -27.47 12.26 4.19
C PRO B 5 -27.65 11.63 2.81
N GLU B 6 -27.20 12.35 1.78
CA GLU B 6 -27.41 11.89 0.41
C GLU B 6 -26.54 10.67 0.10
N GLU B 7 -25.34 10.64 0.66
CA GLU B 7 -24.51 9.43 0.58
C GLU B 7 -25.18 8.28 1.32
N LYS B 8 -25.72 8.55 2.49
CA LYS B 8 -26.33 7.50 3.30
C LYS B 8 -27.52 6.89 2.57
N SER B 9 -28.34 7.78 2.00
CA SER B 9 -29.48 7.43 1.19
C SER B 9 -29.13 6.56 -0.01
N ALA B 10 -28.11 6.95 -0.75
CA ALA B 10 -27.69 6.24 -1.95
C ALA B 10 -27.17 4.85 -1.63
N VAL B 11 -26.50 4.70 -0.50
CA VAL B 11 -26.00 3.39 -0.09
C VAL B 11 -27.16 2.50 0.33
N THR B 12 -28.03 3.04 1.19
CA THR B 12 -29.16 2.23 1.66
C THR B 12 -30.14 1.97 0.53
N ALA B 13 -30.28 2.90 -0.40
CA ALA B 13 -31.23 2.66 -1.49
C ALA B 13 -30.81 1.47 -2.33
N LEU B 14 -29.54 1.40 -2.73
CA LEU B 14 -29.07 0.30 -3.57
C LEU B 14 -29.05 -1.02 -2.80
N TRP B 15 -28.73 -0.94 -1.51
CA TRP B 15 -28.58 -2.19 -0.76
C TRP B 15 -29.90 -2.90 -0.64
N GLY B 16 -30.99 -2.14 -0.65
CA GLY B 16 -32.33 -2.70 -0.66
C GLY B 16 -32.60 -3.62 -1.84
N LYS B 17 -31.78 -3.53 -2.88
CA LYS B 17 -31.98 -4.36 -4.06
C LYS B 17 -31.05 -5.57 -4.09
N VAL B 18 -30.19 -5.67 -3.10
CA VAL B 18 -29.20 -6.73 -3.00
C VAL B 18 -29.78 -8.03 -2.44
N ASN B 19 -29.60 -9.13 -3.16
CA ASN B 19 -29.80 -10.47 -2.58
C ASN B 19 -28.52 -10.82 -1.83
N VAL B 20 -28.58 -10.70 -0.50
CA VAL B 20 -27.37 -10.78 0.31
C VAL B 20 -26.67 -12.12 0.17
N ASP B 21 -27.46 -13.20 0.08
CA ASP B 21 -26.80 -14.50 -0.03
C ASP B 21 -26.07 -14.64 -1.35
N GLU B 22 -26.70 -14.20 -2.44
CA GLU B 22 -26.08 -14.35 -3.77
C GLU B 22 -24.84 -13.50 -3.87
N VAL B 23 -24.97 -12.23 -3.46
CA VAL B 23 -23.83 -11.31 -3.57
C VAL B 23 -22.73 -11.71 -2.60
N GLY B 24 -23.14 -12.29 -1.47
CA GLY B 24 -22.13 -12.74 -0.51
C GLY B 24 -21.32 -13.89 -1.07
N GLY B 25 -22.01 -14.89 -1.64
CA GLY B 25 -21.30 -16.02 -2.24
C GLY B 25 -20.42 -15.55 -3.38
N GLU B 26 -20.94 -14.65 -4.21
CA GLU B 26 -20.15 -14.07 -5.30
C GLU B 26 -18.93 -13.32 -4.82
N ALA B 27 -19.07 -12.45 -3.81
CA ALA B 27 -17.93 -11.62 -3.39
C ALA B 27 -16.86 -12.47 -2.72
N LEU B 28 -17.25 -13.41 -1.86
CA LEU B 28 -16.23 -14.26 -1.25
C LEU B 28 -15.59 -15.18 -2.29
N GLY B 29 -16.40 -15.72 -3.18
CA GLY B 29 -15.83 -16.56 -4.25
C GLY B 29 -14.85 -15.81 -5.12
N ARG B 30 -15.19 -14.59 -5.54
CA ARG B 30 -14.22 -13.82 -6.33
C ARG B 30 -12.98 -13.45 -5.53
N LEU B 31 -13.12 -13.17 -4.25
CA LEU B 31 -11.92 -12.86 -3.45
C LEU B 31 -10.94 -14.03 -3.51
N LEU B 32 -11.48 -15.24 -3.40
CA LEU B 32 -10.62 -16.42 -3.40
C LEU B 32 -10.04 -16.72 -4.77
N VAL B 33 -10.69 -16.28 -5.84
CA VAL B 33 -10.14 -16.45 -7.19
C VAL B 33 -9.10 -15.40 -7.49
N VAL B 34 -9.41 -14.14 -7.18
CA VAL B 34 -8.58 -13.03 -7.67
C VAL B 34 -7.33 -12.83 -6.82
N TYR B 35 -7.47 -13.12 -5.53
CA TYR B 35 -6.39 -12.98 -4.56
C TYR B 35 -6.22 -14.32 -3.81
N PRO B 36 -5.67 -15.30 -4.50
CA PRO B 36 -5.77 -16.70 -4.07
C PRO B 36 -5.10 -16.94 -2.73
N TRP B 37 -4.25 -16.02 -2.27
CA TRP B 37 -3.60 -16.26 -0.98
C TRP B 37 -4.61 -16.19 0.15
N THR B 38 -5.80 -15.64 -0.12
CA THR B 38 -6.85 -15.53 0.88
C THR B 38 -7.47 -16.90 1.17
N GLN B 39 -7.16 -17.87 0.31
CA GLN B 39 -7.58 -19.24 0.54
C GLN B 39 -6.99 -19.84 1.81
N ARG B 40 -5.96 -19.22 2.35
CA ARG B 40 -5.23 -19.80 3.49
C ARG B 40 -6.16 -20.16 4.64
N PHE B 41 -7.30 -19.49 4.80
CA PHE B 41 -8.16 -19.70 5.95
C PHE B 41 -9.22 -20.76 5.72
N PHE B 42 -9.25 -21.32 4.52
CA PHE B 42 -10.45 -22.05 4.06
C PHE B 42 -10.11 -23.46 3.60
N GLU B 43 -8.96 -23.98 4.01
CA GLU B 43 -8.56 -25.33 3.61
C GLU B 43 -9.54 -26.39 4.09
N SER B 44 -10.39 -26.06 5.06
CA SER B 44 -11.39 -27.05 5.48
C SER B 44 -12.65 -26.97 4.64
N PHE B 45 -12.63 -26.21 3.56
CA PHE B 45 -13.85 -26.01 2.76
C PHE B 45 -13.91 -26.97 1.58
N GLY B 46 -12.84 -27.71 1.34
CA GLY B 46 -12.80 -28.67 0.25
C GLY B 46 -12.06 -28.17 -0.97
N ASP B 47 -12.60 -28.47 -2.14
CA ASP B 47 -12.03 -28.18 -3.44
C ASP B 47 -12.06 -26.69 -3.77
N LEU B 48 -10.89 -26.09 -3.91
CA LEU B 48 -10.74 -24.70 -4.31
C LEU B 48 -9.79 -24.60 -5.51
N SER B 49 -9.73 -25.67 -6.29
CA SER B 49 -8.68 -25.89 -7.27
C SER B 49 -8.84 -25.05 -8.53
N THR B 50 -10.07 -24.78 -8.92
CA THR B 50 -10.38 -23.97 -10.10
C THR B 50 -11.39 -22.89 -9.77
N PRO B 51 -11.46 -21.85 -10.58
CA PRO B 51 -12.45 -20.80 -10.33
C PRO B 51 -13.85 -21.39 -10.24
N ASP B 52 -14.21 -22.28 -11.16
CA ASP B 52 -15.56 -22.84 -11.12
C ASP B 52 -15.79 -23.64 -9.84
N ALA B 53 -14.75 -24.32 -9.34
CA ALA B 53 -14.96 -25.09 -8.10
C ALA B 53 -15.11 -24.16 -6.90
N VAL B 54 -14.31 -23.10 -6.84
CA VAL B 54 -14.46 -22.09 -5.80
C VAL B 54 -15.87 -21.51 -5.81
N MET B 55 -16.30 -21.09 -7.01
CA MET B 55 -17.60 -20.43 -7.12
C MET B 55 -18.74 -21.40 -6.82
N GLY B 56 -18.57 -22.69 -7.08
CA GLY B 56 -19.63 -23.65 -6.84
C GLY B 56 -19.57 -24.33 -5.48
N ASN B 57 -18.58 -23.99 -4.67
CA ASN B 57 -18.33 -24.61 -3.38
C ASN B 57 -19.35 -24.16 -2.35
N PRO B 58 -20.12 -25.09 -1.81
CA PRO B 58 -21.22 -24.73 -0.91
C PRO B 58 -20.75 -24.10 0.40
N LYS B 59 -19.54 -24.42 0.84
CA LYS B 59 -19.06 -23.84 2.10
C LYS B 59 -18.63 -22.40 1.85
N VAL B 60 -18.03 -22.19 0.68
CA VAL B 60 -17.71 -20.81 0.26
C VAL B 60 -18.95 -19.95 0.24
N LYS B 61 -19.99 -20.44 -0.42
CA LYS B 61 -21.26 -19.71 -0.45
C LYS B 61 -21.75 -19.42 0.96
N ALA B 62 -21.78 -20.45 1.81
CA ALA B 62 -22.32 -20.26 3.16
C ALA B 62 -21.52 -19.24 3.94
N HIS B 63 -20.18 -19.26 3.77
CA HIS B 63 -19.38 -18.27 4.49
C HIS B 63 -19.65 -16.87 3.96
N GLY B 64 -19.79 -16.75 2.64
CA GLY B 64 -20.10 -15.45 2.07
C GLY B 64 -21.42 -14.92 2.59
N LYS B 65 -22.42 -15.79 2.73
CA LYS B 65 -23.72 -15.33 3.24
C LYS B 65 -23.58 -14.79 4.67
N LYS B 66 -22.80 -15.48 5.48
CA LYS B 66 -22.55 -15.08 6.87
C LYS B 66 -21.85 -13.73 6.93
N VAL B 67 -20.77 -13.64 6.15
CA VAL B 67 -19.97 -12.42 6.13
C VAL B 67 -20.79 -11.25 5.66
N LEU B 68 -21.46 -11.40 4.51
CA LEU B 68 -22.20 -10.24 4.01
C LEU B 68 -23.45 -9.98 4.84
N GLY B 69 -23.99 -10.97 5.55
CA GLY B 69 -25.09 -10.69 6.47
C GLY B 69 -24.64 -9.75 7.59
N ALA B 70 -23.41 -9.97 8.08
CA ALA B 70 -22.91 -9.11 9.15
C ALA B 70 -22.69 -7.69 8.61
N PHE B 71 -22.18 -7.65 7.38
CA PHE B 71 -21.97 -6.35 6.73
C PHE B 71 -23.31 -5.64 6.61
N SER B 72 -24.29 -6.38 6.09
CA SER B 72 -25.64 -5.86 5.89
C SER B 72 -26.15 -5.23 7.18
N ASP B 73 -26.04 -5.99 8.26
CA ASP B 73 -26.53 -5.53 9.56
C ASP B 73 -25.74 -4.29 9.98
N GLY B 74 -24.49 -4.20 9.55
CA GLY B 74 -23.65 -3.06 9.84
C GLY B 74 -24.14 -1.77 9.22
N LEU B 75 -24.83 -1.86 8.09
CA LEU B 75 -25.32 -0.69 7.37
C LEU B 75 -26.40 0.04 8.14
N ALA B 76 -27.01 -0.63 9.11
CA ALA B 76 -28.02 0.01 9.94
C ALA B 76 -27.39 0.80 11.08
N HIS B 77 -26.06 0.78 11.14
CA HIS B 77 -25.34 1.45 12.22
C HIS B 77 -24.16 2.24 11.69
N LEU B 78 -24.40 2.93 10.58
CA LEU B 78 -23.32 3.67 9.92
C LEU B 78 -22.72 4.73 10.82
N ASP B 79 -23.44 5.14 11.85
CA ASP B 79 -23.01 6.15 12.81
C ASP B 79 -22.22 5.55 13.97
N ASN B 80 -21.96 4.24 13.90
CA ASN B 80 -21.28 3.59 15.02
C ASN B 80 -20.66 2.26 14.58
N LEU B 81 -19.88 2.30 13.50
CA LEU B 81 -19.26 1.06 13.03
C LEU B 81 -18.30 0.48 14.04
N LYS B 82 -17.48 1.33 14.66
CA LYS B 82 -16.49 0.87 15.62
C LYS B 82 -17.15 0.01 16.70
N GLY B 83 -18.24 0.53 17.28
CA GLY B 83 -18.94 -0.17 18.34
C GLY B 83 -19.68 -1.39 17.84
N THR B 84 -20.28 -1.26 16.65
CA THR B 84 -20.98 -2.39 16.06
C THR B 84 -20.09 -3.60 15.80
N PHE B 85 -18.82 -3.39 15.50
CA PHE B 85 -17.97 -4.48 15.00
C PHE B 85 -16.88 -4.83 15.99
N ALA B 86 -16.93 -4.24 17.17
CA ALA B 86 -15.89 -4.42 18.17
C ALA B 86 -15.67 -5.88 18.55
N THR B 87 -16.73 -6.61 18.91
CA THR B 87 -16.51 -8.01 19.27
C THR B 87 -15.99 -8.82 18.10
N LEU B 88 -16.55 -8.62 16.91
CA LEU B 88 -16.06 -9.26 15.70
C LEU B 88 -14.59 -8.92 15.42
N SER B 89 -14.18 -7.69 15.74
CA SER B 89 -12.79 -7.32 15.53
C SER B 89 -11.88 -8.17 16.43
N GLU B 90 -12.23 -8.24 17.71
CA GLU B 90 -11.46 -9.04 18.66
C GLU B 90 -11.39 -10.50 18.21
N LEU B 91 -12.54 -11.00 17.76
CA LEU B 91 -12.59 -12.39 17.31
C LEU B 91 -11.62 -12.63 16.16
N HIS B 92 -11.61 -11.72 15.17
CA HIS B 92 -10.74 -11.99 14.02
C HIS B 92 -9.26 -11.82 14.39
N ALA B 93 -8.98 -10.97 15.36
CA ALA B 93 -7.61 -10.70 15.77
C ALA B 93 -7.03 -11.80 16.66
N ASP B 94 -7.74 -12.11 17.74
CA ASP B 94 -7.25 -13.03 18.77
C ASP B 94 -7.47 -14.50 18.43
N LYS B 95 -8.57 -14.84 17.77
CA LYS B 95 -8.84 -16.26 17.56
C LYS B 95 -8.67 -16.68 16.11
N LEU B 96 -9.15 -15.90 15.15
CA LEU B 96 -9.05 -16.33 13.76
C LEU B 96 -7.73 -15.93 13.10
N HIS B 97 -7.02 -14.97 13.65
CA HIS B 97 -5.75 -14.47 13.12
C HIS B 97 -5.85 -14.11 11.64
N VAL B 98 -6.84 -13.27 11.33
CA VAL B 98 -7.00 -12.81 9.95
C VAL B 98 -6.36 -11.43 9.78
N ASP B 99 -5.33 -11.35 8.94
CA ASP B 99 -4.70 -10.09 8.56
C ASP B 99 -5.76 -9.11 8.05
N PRO B 100 -5.91 -7.94 8.67
CA PRO B 100 -6.94 -6.99 8.26
C PRO B 100 -6.78 -6.53 6.82
N GLU B 101 -5.64 -6.78 6.18
CA GLU B 101 -5.54 -6.45 4.76
C GLU B 101 -6.60 -7.20 3.98
N ASN B 102 -6.98 -8.39 4.46
CA ASN B 102 -8.01 -9.16 3.78
C ASN B 102 -9.34 -8.42 3.76
N PHE B 103 -9.60 -7.59 4.77
CA PHE B 103 -10.89 -6.90 4.78
C PHE B 103 -10.90 -5.84 3.67
N ARG B 104 -9.71 -5.32 3.42
CA ARG B 104 -9.59 -4.29 2.39
C ARG B 104 -9.74 -4.88 1.01
N LEU B 105 -9.16 -6.06 0.80
CA LEU B 105 -9.32 -6.79 -0.44
C LEU B 105 -10.79 -7.19 -0.65
N LEU B 106 -11.43 -7.62 0.44
CA LEU B 106 -12.84 -7.97 0.26
C LEU B 106 -13.64 -6.73 -0.12
N GLY B 107 -13.32 -5.58 0.49
CA GLY B 107 -14.00 -4.35 0.12
C GLY B 107 -13.83 -4.03 -1.37
N LYS B 108 -12.63 -4.24 -1.92
CA LYS B 108 -12.41 -3.97 -3.34
C LYS B 108 -13.25 -4.89 -4.21
N VAL B 109 -13.26 -6.18 -3.85
CA VAL B 109 -14.02 -7.15 -4.63
C VAL B 109 -15.52 -6.90 -4.52
N LEU B 110 -15.97 -6.45 -3.36
CA LEU B 110 -17.39 -6.17 -3.19
C LEU B 110 -17.79 -5.00 -4.09
N VAL B 111 -16.95 -3.97 -4.15
CA VAL B 111 -17.27 -2.84 -5.03
C VAL B 111 -17.41 -3.29 -6.49
N CYS B 112 -16.47 -4.11 -6.94
CA CYS B 112 -16.54 -4.68 -8.28
C CYS B 112 -17.81 -5.50 -8.51
N VAL B 113 -18.20 -6.28 -7.51
CA VAL B 113 -19.40 -7.11 -7.68
C VAL B 113 -20.66 -6.26 -7.80
N LEU B 114 -20.76 -5.21 -6.99
CA LEU B 114 -21.91 -4.32 -7.08
C LEU B 114 -22.00 -3.64 -8.44
N ALA B 115 -20.85 -3.24 -8.99
CA ALA B 115 -20.83 -2.63 -10.31
C ALA B 115 -21.28 -3.64 -11.37
N HIS B 116 -20.76 -4.86 -11.24
CA HIS B 116 -21.16 -5.93 -12.17
C HIS B 116 -22.65 -6.22 -12.09
N HIS B 117 -23.16 -6.26 -10.84
CA HIS B 117 -24.57 -6.59 -10.67
C HIS B 117 -25.51 -5.46 -11.09
N PHE B 118 -25.10 -4.21 -10.86
CA PHE B 118 -26.02 -3.09 -11.05
C PHE B 118 -25.72 -2.25 -12.28
N GLY B 119 -24.56 -2.42 -12.90
CA GLY B 119 -24.17 -1.69 -14.08
C GLY B 119 -24.32 -0.19 -13.92
N LYS B 120 -24.94 0.49 -14.90
CA LYS B 120 -24.95 1.96 -14.93
C LYS B 120 -25.58 2.55 -13.68
N GLU B 121 -26.38 1.76 -12.96
CA GLU B 121 -26.96 2.29 -11.73
C GLU B 121 -25.90 2.47 -10.65
N PHE B 122 -24.76 1.81 -10.83
CA PHE B 122 -23.63 2.02 -9.91
C PHE B 122 -22.78 3.19 -10.41
N THR B 123 -23.33 4.40 -10.23
CA THR B 123 -22.70 5.59 -10.77
C THR B 123 -21.45 5.98 -9.98
N PRO B 124 -20.60 6.81 -10.58
CA PRO B 124 -19.43 7.32 -9.85
C PRO B 124 -19.76 7.87 -8.47
N PRO B 125 -20.83 8.63 -8.26
CA PRO B 125 -21.12 9.07 -6.89
C PRO B 125 -21.58 7.92 -6.00
N VAL B 126 -22.26 6.93 -6.57
CA VAL B 126 -22.70 5.82 -5.72
C VAL B 126 -21.48 5.01 -5.29
N GLN B 127 -20.52 4.86 -6.21
CA GLN B 127 -19.28 4.17 -5.83
C GLN B 127 -18.54 4.92 -4.74
N ALA B 128 -18.42 6.24 -4.85
CA ALA B 128 -17.70 7.00 -3.83
C ALA B 128 -18.31 6.76 -2.47
N ALA B 129 -19.64 6.72 -2.40
CA ALA B 129 -20.28 6.45 -1.12
C ALA B 129 -19.92 5.05 -0.61
N TYR B 130 -19.97 4.07 -1.51
CA TYR B 130 -19.63 2.71 -1.06
C TYR B 130 -18.16 2.61 -0.70
N GLN B 131 -17.29 3.35 -1.38
CA GLN B 131 -15.88 3.24 -1.01
C GLN B 131 -15.66 3.73 0.41
N LYS B 132 -16.40 4.76 0.82
CA LYS B 132 -16.23 5.23 2.19
C LYS B 132 -16.72 4.18 3.17
N VAL B 133 -17.84 3.55 2.81
CA VAL B 133 -18.44 2.54 3.68
C VAL B 133 -17.55 1.32 3.78
N VAL B 134 -17.03 0.81 2.67
CA VAL B 134 -16.19 -0.39 2.82
C VAL B 134 -14.89 -0.06 3.53
N ALA B 135 -14.34 1.13 3.37
CA ALA B 135 -13.16 1.51 4.15
C ALA B 135 -13.50 1.63 5.63
N GLY B 136 -14.67 2.19 5.91
CA GLY B 136 -15.19 2.34 7.26
C GLY B 136 -15.34 1.01 7.97
N VAL B 137 -15.91 0.03 7.29
CA VAL B 137 -16.04 -1.31 7.85
C VAL B 137 -14.67 -1.93 8.08
N ALA B 138 -13.75 -1.86 7.12
CA ALA B 138 -12.39 -2.37 7.30
C ALA B 138 -11.70 -1.77 8.50
N ASN B 139 -11.77 -0.45 8.65
CA ASN B 139 -11.12 0.17 9.78
C ASN B 139 -11.76 -0.30 11.08
N ALA B 140 -13.08 -0.45 11.06
CA ALA B 140 -13.76 -0.91 12.29
C ALA B 140 -13.38 -2.33 12.65
N LEU B 141 -13.21 -3.21 11.68
CA LEU B 141 -12.84 -4.59 11.98
C LEU B 141 -11.38 -4.74 12.37
N ALA B 142 -10.57 -3.76 11.97
CA ALA B 142 -9.15 -3.79 12.27
C ALA B 142 -8.84 -3.11 13.61
N HIS B 143 -9.88 -2.57 14.26
CA HIS B 143 -9.65 -1.67 15.38
C HIS B 143 -9.05 -2.34 16.60
N LYS B 144 -9.36 -3.61 16.85
CA LYS B 144 -8.95 -4.24 18.10
C LYS B 144 -7.65 -5.02 17.94
N TYR B 145 -6.97 -4.87 16.80
CA TYR B 145 -5.75 -5.63 16.56
C TYR B 145 -4.59 -5.02 17.34
N HIS B 146 -4.07 -5.75 18.31
CA HIS B 146 -3.06 -5.20 19.21
C HIS B 146 -1.86 -6.13 19.39
N MET C 1 -4.57 12.18 19.69
CA MET C 1 -4.38 10.74 19.66
C MET C 1 -3.93 10.21 21.03
N HIS C 2 -4.31 8.97 21.31
CA HIS C 2 -3.95 8.39 22.60
C HIS C 2 -2.82 7.37 22.48
N LEU C 3 -1.83 7.56 23.35
CA LEU C 3 -0.73 6.64 23.55
C LEU C 3 -0.72 6.19 25.01
N THR C 4 -0.12 5.03 25.28
CA THR C 4 0.07 4.63 26.67
C THR C 4 1.03 5.59 27.36
N PRO C 5 1.02 5.63 28.69
CA PRO C 5 1.97 6.50 29.40
C PRO C 5 3.41 6.20 28.99
N GLU C 6 3.75 4.91 28.92
CA GLU C 6 5.10 4.52 28.53
C GLU C 6 5.46 5.01 27.13
N GLU C 7 4.50 4.99 26.22
CA GLU C 7 4.75 5.45 24.85
C GLU C 7 4.96 6.96 24.81
N LYS C 8 4.05 7.73 25.42
CA LYS C 8 4.28 9.18 25.47
C LYS C 8 5.62 9.51 26.10
N SER C 9 5.94 8.86 27.22
CA SER C 9 7.23 9.12 27.84
C SER C 9 8.38 8.84 26.88
N ALA C 10 8.27 7.73 26.16
CA ALA C 10 9.31 7.35 25.20
C ALA C 10 9.53 8.42 24.15
N VAL C 11 8.43 9.00 23.67
CA VAL C 11 8.50 9.95 22.57
C VAL C 11 9.10 11.27 23.02
N THR C 12 8.61 11.76 24.16
CA THR C 12 9.06 13.08 24.62
C THR C 12 10.49 13.03 25.12
N ALA C 13 10.86 11.96 25.81
CA ALA C 13 12.25 11.87 26.28
C ALA C 13 13.23 11.94 25.11
N LEU C 14 12.95 11.21 24.04
CA LEU C 14 13.89 11.20 22.92
C LEU C 14 13.91 12.53 22.20
N TRP C 15 12.75 13.17 22.08
CA TRP C 15 12.67 14.39 21.30
C TRP C 15 13.43 15.53 21.97
N GLY C 16 13.58 15.46 23.29
CA GLY C 16 14.35 16.48 24.00
C GLY C 16 15.80 16.55 23.56
N LYS C 17 16.28 15.48 22.95
CA LYS C 17 17.66 15.39 22.50
C LYS C 17 17.80 15.68 21.00
N VAL C 18 16.67 15.79 20.32
CA VAL C 18 16.68 16.05 18.87
C VAL C 18 16.96 17.52 18.59
N ASN C 19 18.08 17.78 17.91
CA ASN C 19 18.32 19.10 17.34
C ASN C 19 17.54 19.21 16.04
N VAL C 20 16.41 19.91 16.08
CA VAL C 20 15.47 19.91 14.97
C VAL C 20 16.09 20.35 13.66
N ASP C 21 17.03 21.30 13.73
CA ASP C 21 17.61 21.76 12.47
C ASP C 21 18.33 20.60 11.77
N GLU C 22 19.20 19.94 12.51
CA GLU C 22 20.06 18.86 12.02
C GLU C 22 19.26 17.66 11.53
N VAL C 23 18.28 17.24 12.33
CA VAL C 23 17.51 16.06 11.96
C VAL C 23 16.57 16.42 10.81
N GLY C 24 16.08 17.65 10.83
CA GLY C 24 15.16 18.10 9.78
C GLY C 24 15.80 18.11 8.40
N GLY C 25 16.98 18.71 8.29
CA GLY C 25 17.72 18.70 7.02
C GLY C 25 17.97 17.27 6.57
N GLU C 26 18.37 16.41 7.51
CA GLU C 26 18.66 15.02 7.19
C GLU C 26 17.47 14.22 6.72
N ALA C 27 16.33 14.33 7.37
CA ALA C 27 15.12 13.61 6.97
C ALA C 27 14.60 14.03 5.61
N LEU C 28 14.53 15.34 5.33
CA LEU C 28 14.04 15.78 4.02
C LEU C 28 15.02 15.38 2.93
N GLY C 29 16.32 15.54 3.21
CA GLY C 29 17.34 15.18 2.23
C GLY C 29 17.30 13.72 1.85
N ARG C 30 17.17 12.84 2.85
CA ARG C 30 17.05 11.40 2.54
C ARG C 30 15.77 11.09 1.80
N LEU C 31 14.69 11.81 2.12
CA LEU C 31 13.45 11.58 1.37
C LEU C 31 13.69 11.82 -0.11
N LEU C 32 14.40 12.91 -0.42
CA LEU C 32 14.64 13.28 -1.82
C LEU C 32 15.58 12.29 -2.51
N VAL C 33 16.54 11.74 -1.77
CA VAL C 33 17.45 10.74 -2.31
C VAL C 33 16.80 9.38 -2.46
N VAL C 34 16.09 8.92 -1.42
CA VAL C 34 15.60 7.54 -1.46
C VAL C 34 14.36 7.38 -2.32
N TYR C 35 13.52 8.42 -2.35
CA TYR C 35 12.28 8.41 -3.13
C TYR C 35 12.26 9.64 -4.03
N PRO C 36 13.05 9.62 -5.09
CA PRO C 36 13.37 10.83 -5.85
C PRO C 36 12.14 11.44 -6.54
N TRP C 37 11.04 10.70 -6.67
CA TRP C 37 9.85 11.32 -7.26
C TRP C 37 9.29 12.43 -6.39
N THR C 38 9.72 12.51 -5.13
CA THR C 38 9.28 13.55 -4.20
C THR C 38 9.93 14.88 -4.51
N GLN C 39 10.96 14.82 -5.36
CA GLN C 39 11.58 16.05 -5.85
C GLN C 39 10.64 16.88 -6.72
N ARG C 40 9.53 16.32 -7.18
CA ARG C 40 8.58 17.06 -8.01
C ARG C 40 8.06 18.32 -7.33
N PHE C 41 8.20 18.46 -6.01
CA PHE C 41 7.71 19.63 -5.31
C PHE C 41 8.78 20.69 -5.08
N PHE C 42 10.01 20.45 -5.51
CA PHE C 42 11.11 21.29 -5.06
C PHE C 42 12.01 21.71 -6.23
N GLU C 43 11.39 21.83 -7.40
CA GLU C 43 12.09 22.22 -8.61
C GLU C 43 12.85 23.54 -8.45
N SER C 44 12.32 24.43 -7.62
CA SER C 44 12.98 25.71 -7.39
C SER C 44 14.09 25.60 -6.36
N PHE C 45 14.43 24.41 -5.90
CA PHE C 45 15.44 24.31 -4.84
C PHE C 45 16.86 24.24 -5.39
N GLY C 46 16.95 23.94 -6.68
CA GLY C 46 18.27 23.88 -7.30
C GLY C 46 18.69 22.47 -7.65
N ASP C 47 19.99 22.24 -7.51
CA ASP C 47 20.68 21.01 -7.84
C ASP C 47 20.26 19.87 -6.91
N LEU C 48 19.54 18.89 -7.44
CA LEU C 48 19.12 17.73 -6.65
C LEU C 48 19.50 16.44 -7.34
N SER C 49 20.51 16.51 -8.20
CA SER C 49 20.85 15.46 -9.15
C SER C 49 21.52 14.26 -8.49
N THR C 50 22.25 14.49 -7.41
CA THR C 50 22.99 13.46 -6.72
C THR C 50 22.83 13.57 -5.21
N PRO C 51 23.04 12.47 -4.51
CA PRO C 51 22.90 12.46 -3.05
C PRO C 51 23.70 13.57 -2.39
N ASP C 52 24.93 13.81 -2.85
CA ASP C 52 25.76 14.83 -2.19
C ASP C 52 25.21 16.23 -2.40
N ALA C 53 24.72 16.51 -3.60
CA ALA C 53 24.09 17.80 -3.87
C ALA C 53 22.83 18.00 -3.04
N VAL C 54 22.01 16.96 -2.93
CA VAL C 54 20.80 17.08 -2.12
C VAL C 54 21.15 17.38 -0.67
N MET C 55 22.05 16.56 -0.11
CA MET C 55 22.33 16.69 1.31
C MET C 55 23.01 18.02 1.65
N GLY C 56 23.75 18.60 0.70
CA GLY C 56 24.41 19.87 0.97
C GLY C 56 23.59 21.08 0.52
N ASN C 57 22.39 20.84 0.02
CA ASN C 57 21.57 21.92 -0.50
C ASN C 57 20.98 22.74 0.65
N PRO C 58 21.41 24.00 0.77
CA PRO C 58 20.96 24.86 1.87
C PRO C 58 19.45 25.09 1.87
N LYS C 59 18.81 25.09 0.71
CA LYS C 59 17.36 25.24 0.69
C LYS C 59 16.67 23.99 1.19
N VAL C 60 17.29 22.84 0.92
CA VAL C 60 16.78 21.59 1.49
C VAL C 60 16.89 21.63 2.99
N LYS C 61 18.06 22.04 3.48
CA LYS C 61 18.28 22.13 4.92
C LYS C 61 17.24 23.02 5.59
N ALA C 62 17.02 24.19 5.01
CA ALA C 62 16.12 25.16 5.63
C ALA C 62 14.68 24.68 5.62
N HIS C 63 14.27 24.02 4.55
CA HIS C 63 12.91 23.50 4.49
C HIS C 63 12.70 22.36 5.48
N GLY C 64 13.71 21.51 5.58
CA GLY C 64 13.62 20.42 6.55
C GLY C 64 13.48 20.95 7.96
N LYS C 65 14.24 21.99 8.27
CA LYS C 65 14.15 22.66 9.56
C LYS C 65 12.76 23.22 9.80
N LYS C 66 12.17 23.79 8.76
CA LYS C 66 10.81 24.33 8.87
C LYS C 66 9.78 23.22 9.12
N VAL C 67 9.89 22.17 8.32
CA VAL C 67 8.97 21.04 8.40
C VAL C 67 9.05 20.37 9.76
N LEU C 68 10.26 20.03 10.19
CA LEU C 68 10.33 19.34 11.48
C LEU C 68 10.05 20.27 12.65
N GLY C 69 10.28 21.58 12.45
CA GLY C 69 9.86 22.53 13.47
C GLY C 69 8.37 22.46 13.70
N ALA C 70 7.60 22.36 12.61
CA ALA C 70 6.15 22.27 12.75
C ALA C 70 5.77 20.94 13.38
N PHE C 71 6.48 19.89 12.96
CA PHE C 71 6.24 18.55 13.51
C PHE C 71 6.44 18.61 15.02
N SER C 72 7.53 19.25 15.41
CA SER C 72 7.88 19.39 16.82
C SER C 72 6.72 20.00 17.59
N ASP C 73 6.13 21.04 17.01
CA ASP C 73 5.02 21.74 17.65
C ASP C 73 3.83 20.81 17.80
N GLY C 74 3.73 19.84 16.92
CA GLY C 74 2.66 18.85 16.96
C GLY C 74 2.77 17.91 18.14
N LEU C 75 4.01 17.55 18.49
CA LEU C 75 4.25 16.63 19.61
C LEU C 75 3.79 17.22 20.93
N ALA C 76 3.63 18.55 20.99
CA ALA C 76 3.17 19.21 22.21
C ALA C 76 1.65 19.19 22.30
N HIS C 77 1.00 18.62 21.29
CA HIS C 77 -0.45 18.54 21.21
C HIS C 77 -0.89 17.18 20.71
N LEU C 78 -0.27 16.13 21.24
CA LEU C 78 -0.58 14.76 20.80
C LEU C 78 -2.06 14.45 20.97
N ASP C 79 -2.74 15.14 21.87
CA ASP C 79 -4.13 14.84 22.18
C ASP C 79 -5.11 15.33 21.12
N ASN C 80 -4.67 16.17 20.18
CA ASN C 80 -5.60 16.72 19.20
C ASN C 80 -4.89 17.05 17.89
N LEU C 81 -4.32 16.01 17.29
CA LEU C 81 -3.49 16.24 16.10
C LEU C 81 -4.25 16.92 14.98
N LYS C 82 -5.51 16.56 14.78
CA LYS C 82 -6.29 17.13 13.69
C LYS C 82 -6.43 18.65 13.87
N GLY C 83 -6.82 19.06 15.08
CA GLY C 83 -7.02 20.48 15.32
C GLY C 83 -5.72 21.25 15.20
N THR C 84 -4.62 20.64 15.65
CA THR C 84 -3.33 21.32 15.55
C THR C 84 -2.87 21.52 14.11
N PHE C 85 -3.18 20.60 13.21
CA PHE C 85 -2.60 20.66 11.87
C PHE C 85 -3.56 21.08 10.78
N ALA C 86 -4.78 21.48 11.18
CA ALA C 86 -5.83 21.74 10.20
C ALA C 86 -5.43 22.79 9.18
N THR C 87 -4.85 23.89 9.65
CA THR C 87 -4.48 24.98 8.73
C THR C 87 -3.42 24.54 7.74
N LEU C 88 -2.38 23.88 8.23
CA LEU C 88 -1.34 23.33 7.36
C LEU C 88 -1.91 22.25 6.47
N SER C 89 -2.90 21.50 6.95
CA SER C 89 -3.55 20.52 6.08
C SER C 89 -4.19 21.17 4.87
N GLU C 90 -4.94 22.25 5.13
CA GLU C 90 -5.57 23.01 4.06
C GLU C 90 -4.53 23.55 3.09
N LEU C 91 -3.46 24.08 3.69
CA LEU C 91 -2.40 24.64 2.85
C LEU C 91 -1.90 23.59 1.89
N HIS C 92 -1.66 22.38 2.42
CA HIS C 92 -0.97 21.40 1.59
C HIS C 92 -1.90 20.87 0.51
N ALA C 93 -3.20 20.83 0.82
CA ALA C 93 -4.19 20.28 -0.09
C ALA C 93 -4.54 21.25 -1.21
N ASP C 94 -4.91 22.46 -0.85
CA ASP C 94 -5.45 23.48 -1.74
C ASP C 94 -4.39 24.35 -2.39
N LYS C 95 -3.27 24.63 -1.73
CA LYS C 95 -2.31 25.51 -2.40
C LYS C 95 -1.13 24.73 -2.96
N LEU C 96 -0.53 23.84 -2.18
CA LEU C 96 0.68 23.16 -2.62
C LEU C 96 0.38 21.92 -3.47
N HIS C 97 -0.81 21.37 -3.35
CA HIS C 97 -1.26 20.14 -4.00
C HIS C 97 -0.31 18.98 -3.76
N VAL C 98 -0.04 18.71 -2.49
CA VAL C 98 0.87 17.61 -2.16
C VAL C 98 0.07 16.35 -1.81
N ASP C 99 0.34 15.30 -2.54
CA ASP C 99 -0.24 13.98 -2.31
C ASP C 99 0.11 13.54 -0.89
N PRO C 100 -0.88 13.29 -0.05
CA PRO C 100 -0.62 12.96 1.34
C PRO C 100 0.26 11.73 1.52
N GLU C 101 0.41 10.90 0.48
CA GLU C 101 1.29 9.75 0.58
C GLU C 101 2.71 10.21 0.90
N ASN C 102 3.07 11.43 0.50
CA ASN C 102 4.38 11.97 0.83
C ASN C 102 4.58 12.12 2.33
N PHE C 103 3.49 12.37 3.06
CA PHE C 103 3.63 12.53 4.52
C PHE C 103 4.06 11.21 5.15
N ARG C 104 3.56 10.15 4.53
CA ARG C 104 3.88 8.81 5.03
C ARG C 104 5.29 8.41 4.66
N LEU C 105 5.73 8.73 3.44
CA LEU C 105 7.12 8.47 3.10
C LEU C 105 8.04 9.26 4.04
N LEU C 106 7.67 10.53 4.28
CA LEU C 106 8.55 11.28 5.18
C LEU C 106 8.57 10.63 6.56
N GLY C 107 7.43 10.08 7.00
CA GLY C 107 7.39 9.39 8.28
C GLY C 107 8.36 8.22 8.33
N LYS C 108 8.46 7.47 7.25
CA LYS C 108 9.31 6.29 7.23
C LYS C 108 10.78 6.67 7.29
N VAL C 109 11.11 7.72 6.55
CA VAL C 109 12.49 8.21 6.54
C VAL C 109 12.89 8.79 7.88
N LEU C 110 11.96 9.52 8.51
CA LEU C 110 12.22 10.10 9.81
C LEU C 110 12.57 9.05 10.85
N VAL C 111 11.83 7.96 10.85
CA VAL C 111 12.11 6.85 11.77
C VAL C 111 13.50 6.28 11.51
N CYS C 112 13.88 6.13 10.24
CA CYS C 112 15.21 5.67 9.87
C CYS C 112 16.30 6.59 10.36
N VAL C 113 16.05 7.90 10.30
CA VAL C 113 17.05 8.87 10.72
C VAL C 113 17.23 8.88 12.22
N LEU C 114 16.12 8.75 12.96
CA LEU C 114 16.23 8.66 14.43
C LEU C 114 17.04 7.43 14.83
N ALA C 115 16.80 6.31 14.15
CA ALA C 115 17.56 5.10 14.45
C ALA C 115 19.03 5.30 14.15
N HIS C 116 19.32 5.96 13.02
CA HIS C 116 20.70 6.20 12.61
C HIS C 116 21.42 7.09 13.61
N HIS C 117 20.73 8.14 14.03
CA HIS C 117 21.33 9.13 14.92
C HIS C 117 21.49 8.60 16.35
N PHE C 118 20.48 7.89 16.85
CA PHE C 118 20.48 7.49 18.24
C PHE C 118 20.95 6.07 18.51
N GLY C 119 20.99 5.23 17.49
CA GLY C 119 21.47 3.87 17.60
C GLY C 119 20.73 3.04 18.62
N LYS C 120 21.43 2.41 19.55
CA LYS C 120 20.83 1.42 20.45
C LYS C 120 19.72 2.01 21.29
N GLU C 121 19.75 3.31 21.53
CA GLU C 121 18.74 3.97 22.33
C GLU C 121 17.39 3.96 21.63
N PHE C 122 17.37 3.80 20.32
CA PHE C 122 16.11 3.72 19.58
C PHE C 122 15.63 2.28 19.56
N THR C 123 15.21 1.82 20.73
CA THR C 123 14.82 0.43 20.90
C THR C 123 13.52 0.09 20.19
N PRO C 124 13.20 -1.18 20.02
CA PRO C 124 11.93 -1.57 19.41
C PRO C 124 10.70 -0.93 20.04
N PRO C 125 10.57 -0.83 21.36
CA PRO C 125 9.42 -0.13 21.94
C PRO C 125 9.43 1.37 21.65
N VAL C 126 10.61 1.97 21.58
CA VAL C 126 10.63 3.42 21.27
C VAL C 126 10.21 3.59 19.82
N GLN C 127 10.63 2.69 18.93
CA GLN C 127 10.23 2.82 17.53
C GLN C 127 8.72 2.67 17.36
N ALA C 128 8.15 1.71 18.09
CA ALA C 128 6.72 1.50 17.98
C ALA C 128 5.95 2.77 18.34
N ALA C 129 6.37 3.42 19.41
CA ALA C 129 5.73 4.66 19.83
C ALA C 129 5.85 5.73 18.74
N TYR C 130 7.06 5.87 18.17
CA TYR C 130 7.22 6.85 17.10
C TYR C 130 6.44 6.48 15.86
N GLN C 131 6.27 5.17 15.60
CA GLN C 131 5.51 4.85 14.39
C GLN C 131 4.06 5.29 14.57
N LYS C 132 3.58 5.25 15.81
CA LYS C 132 2.19 5.67 16.02
C LYS C 132 2.07 7.18 15.80
N VAL C 133 3.10 7.87 16.25
CA VAL C 133 3.10 9.33 16.15
C VAL C 133 3.24 9.80 14.71
N VAL C 134 4.13 9.21 13.92
CA VAL C 134 4.25 9.71 12.54
C VAL C 134 3.00 9.36 11.73
N ALA C 135 2.38 8.22 12.02
CA ALA C 135 1.13 7.85 11.34
C ALA C 135 0.00 8.82 11.70
N GLY C 136 -0.10 9.18 12.97
CA GLY C 136 -1.10 10.12 13.43
C GLY C 136 -0.86 11.51 12.85
N VAL C 137 0.40 11.93 12.74
CA VAL C 137 0.67 13.22 12.10
C VAL C 137 0.35 13.16 10.62
N ALA C 138 0.72 12.11 9.89
CA ALA C 138 0.32 12.02 8.49
C ALA C 138 -1.19 12.01 8.29
N ASN C 139 -1.90 11.31 9.18
CA ASN C 139 -3.36 11.33 9.08
C ASN C 139 -3.91 12.71 9.37
N ALA C 140 -3.33 13.40 10.34
CA ALA C 140 -3.76 14.75 10.67
C ALA C 140 -3.55 15.71 9.49
N LEU C 141 -2.43 15.59 8.80
CA LEU C 141 -2.17 16.46 7.65
C LEU C 141 -3.02 16.14 6.43
N ALA C 142 -3.51 14.91 6.35
CA ALA C 142 -4.27 14.46 5.19
C ALA C 142 -5.77 14.75 5.37
N HIS C 143 -6.14 15.21 6.55
CA HIS C 143 -7.54 15.30 6.94
C HIS C 143 -8.35 16.29 6.12
N LYS C 144 -7.73 17.37 5.63
CA LYS C 144 -8.49 18.43 4.97
C LYS C 144 -8.57 18.25 3.46
N TYR C 145 -8.05 17.14 2.94
CA TYR C 145 -8.09 16.89 1.50
C TYR C 145 -9.47 16.44 1.05
N HIS C 146 -10.03 17.15 0.08
CA HIS C 146 -11.35 16.82 -0.43
C HIS C 146 -11.41 17.00 -1.95
#